data_8WL0
#
_entry.id   8WL0
#
_cell.length_a   77.058
_cell.length_b   84.027
_cell.length_c   62.468
_cell.angle_alpha   90.00
_cell.angle_beta   100.62
_cell.angle_gamma   90.00
#
_symmetry.space_group_name_H-M   'C 1 2 1'
#
loop_
_entity.id
_entity.type
_entity.pdbx_description
1 polymer '4-hydroxyphenylpyruvate dioxygenase'
2 non-polymer 'COBALT (II) ION'
3 non-polymer 6-(1,3-dimethyl-5-oxidanyl-pyrazol-4-yl)carbonyl-3-[(4-fluorophenyl)methyl]-5-methyl-1,2,3-benzotriazin-4-one
4 water water
#
_entity_poly.entity_id   1
_entity_poly.type   'polypeptide(L)'
_entity_poly.pdbx_seq_one_letter_code
;GSHMVRKNPKSDKFKVKRFHHIEFWCGDATNVARRFSWGLGMRFSAKSDLSTGNMVHASYLLTSGDLRFLFTAPYSPSLS
AGEIKPTTTASIPSFDHGSCRSFFSSHGLGVRAVAIEVEDAESAFSISVANGAIPSSPPIVLNEAVTIAEVKLYGDVVLR
YVSYKAEDTEKSEFLPGFERVEDASSFPLDYGIRRLDHAVGNVPELGPALTYVAGFTGFHQFAEFTADDVGTAESGLNSA
VLASNDEMVLLPINEPVHGTKRKSQIQTYLEHNEGAGLQHLALMSEDIFRTLREMRKRSSIGGFDFMPSPPPTYYQNLKK
RVGDVLSDDQIKECEELGILVDRDDQGTLLQIFTKPLGDRPTIFIEIIQRVGCMMKDEEGKAYQSGGCGGFGKGNFSELF
KSIEEYEKTLEAKQLVG
;
_entity_poly.pdbx_strand_id   A
#
loop_
_chem_comp.id
_chem_comp.type
_chem_comp.name
_chem_comp.formula
CO non-polymer 'COBALT (II) ION' 'Co 2'
WIG non-polymer 6-(1,3-dimethyl-5-oxidanyl-pyrazol-4-yl)carbonyl-3-[(4-fluorophenyl)methyl]-5-methyl-1,2,3-benzotriazin-4-one 'C21 H18 F N5 O3'
#
# COMPACT_ATOMS: atom_id res chain seq x y z
N LYS A 7 4.30 15.01 19.16
CA LYS A 7 5.38 15.88 18.72
C LYS A 7 5.73 15.63 17.25
N ASN A 8 5.70 16.70 16.46
CA ASN A 8 5.93 16.62 15.02
C ASN A 8 6.92 17.71 14.64
N PRO A 9 8.21 17.37 14.49
CA PRO A 9 9.22 18.39 14.20
C PRO A 9 9.15 18.98 12.80
N LYS A 10 8.32 18.42 11.91
CA LYS A 10 8.18 18.87 10.52
C LYS A 10 9.53 19.04 9.83
N SER A 11 10.29 17.95 9.80
CA SER A 11 11.68 17.96 9.35
C SER A 11 11.87 17.46 7.93
N ASP A 12 10.80 17.30 7.14
CA ASP A 12 10.92 16.86 5.74
C ASP A 12 12.01 17.64 5.02
N LYS A 13 12.91 16.91 4.36
CA LYS A 13 14.00 17.60 3.67
C LYS A 13 13.61 18.12 2.30
N PHE A 14 12.40 17.82 1.84
CA PHE A 14 11.86 18.38 0.61
C PHE A 14 10.34 18.33 0.71
N LYS A 15 9.66 19.08 -0.15
CA LYS A 15 8.21 19.22 -0.05
C LYS A 15 7.53 17.97 -0.61
N VAL A 16 6.77 17.29 0.24
CA VAL A 16 6.05 16.07 -0.09
C VAL A 16 4.58 16.40 -0.09
N LYS A 17 3.85 15.86 -1.07
CA LYS A 17 2.42 16.14 -1.14
C LYS A 17 1.62 14.95 -0.64
N ARG A 18 1.23 14.04 -1.53
CA ARG A 18 0.46 12.88 -1.11
C ARG A 18 1.01 11.64 -1.78
N PHE A 19 0.59 10.48 -1.28
CA PHE A 19 0.75 9.24 -2.05
C PHE A 19 0.20 9.45 -3.45
N HIS A 20 0.94 9.00 -4.45
CA HIS A 20 0.52 9.16 -5.83
C HIS A 20 0.05 7.86 -6.47
N HIS A 21 0.84 6.79 -6.37
CA HIS A 21 0.41 5.50 -6.89
C HIS A 21 1.27 4.41 -6.29
N ILE A 22 0.80 3.17 -6.45
CA ILE A 22 1.53 1.97 -6.06
C ILE A 22 1.70 1.15 -7.33
N GLU A 23 2.92 0.69 -7.60
CA GLU A 23 3.14 -0.14 -8.78
C GLU A 23 3.50 -1.57 -8.39
N PHE A 24 2.72 -2.52 -8.91
CA PHE A 24 2.97 -3.94 -8.79
C PHE A 24 3.77 -4.42 -9.99
N TRP A 25 4.82 -5.21 -9.74
CA TRP A 25 5.51 -5.89 -10.82
C TRP A 25 4.98 -7.30 -10.92
N CYS A 26 4.57 -7.68 -12.13
CA CYS A 26 3.73 -8.83 -12.40
C CYS A 26 4.41 -9.67 -13.46
N GLY A 27 3.94 -10.91 -13.61
CA GLY A 27 4.38 -11.62 -14.78
C GLY A 27 3.43 -11.41 -15.94
N ASP A 28 2.16 -11.26 -15.62
CA ASP A 28 1.12 -10.91 -16.60
C ASP A 28 0.28 -9.80 -15.97
N ALA A 29 0.44 -8.58 -16.47
CA ALA A 29 -0.27 -7.47 -15.84
C ALA A 29 -1.77 -7.55 -16.10
N THR A 30 -2.18 -8.10 -17.24
CA THR A 30 -3.60 -8.16 -17.60
C THR A 30 -4.42 -8.93 -16.57
N ASN A 31 -3.99 -10.14 -16.25
CA ASN A 31 -4.79 -10.98 -15.36
C ASN A 31 -4.79 -10.43 -13.94
N VAL A 32 -3.67 -9.90 -13.47
CA VAL A 32 -3.69 -9.33 -12.12
C VAL A 32 -4.58 -8.09 -12.09
N ALA A 33 -4.46 -7.22 -13.10
CA ALA A 33 -5.26 -5.99 -13.08
C ALA A 33 -6.74 -6.31 -13.14
N ARG A 34 -7.11 -7.31 -13.95
CA ARG A 34 -8.55 -7.61 -14.05
C ARG A 34 -9.07 -8.20 -12.74
N ARG A 35 -8.28 -9.07 -12.11
CA ARG A 35 -8.68 -9.62 -10.81
C ARG A 35 -8.84 -8.50 -9.78
N PHE A 36 -7.83 -7.65 -9.64
CA PHE A 36 -7.91 -6.56 -8.67
C PHE A 36 -9.07 -5.62 -8.96
N SER A 37 -9.33 -5.34 -10.24
CA SER A 37 -10.39 -4.40 -10.59
C SER A 37 -11.74 -4.89 -10.06
N TRP A 38 -12.02 -6.18 -10.29
CA TRP A 38 -13.27 -6.76 -9.83
C TRP A 38 -13.30 -6.92 -8.32
N GLY A 39 -12.18 -7.35 -7.73
CA GLY A 39 -12.14 -7.63 -6.31
C GLY A 39 -12.25 -6.38 -5.44
N LEU A 40 -11.72 -5.26 -5.90
CA LEU A 40 -11.62 -4.04 -5.11
C LEU A 40 -12.52 -2.92 -5.61
N GLY A 41 -13.15 -3.10 -6.78
CA GLY A 41 -14.02 -2.08 -7.32
C GLY A 41 -13.26 -0.89 -7.81
N MET A 42 -12.23 -1.14 -8.60
CA MET A 42 -11.41 -0.08 -9.16
C MET A 42 -11.60 -0.08 -10.66
N ARG A 43 -11.62 1.10 -11.23
CA ARG A 43 -11.86 1.31 -12.65
C ARG A 43 -10.57 1.24 -13.44
N PHE A 44 -10.64 0.65 -14.65
CA PHE A 44 -9.52 0.75 -15.60
C PHE A 44 -9.46 2.17 -16.16
N SER A 45 -8.36 2.89 -15.91
CA SER A 45 -8.37 4.29 -16.31
C SER A 45 -7.26 4.69 -17.28
N ALA A 46 -6.12 4.01 -17.31
CA ALA A 46 -5.10 4.33 -18.31
C ALA A 46 -4.31 3.09 -18.66
N LYS A 47 -3.68 3.12 -19.84
CA LYS A 47 -2.82 2.01 -20.25
C LYS A 47 -1.60 2.51 -21.01
N SER A 48 -0.54 1.71 -20.96
CA SER A 48 0.65 1.90 -21.77
C SER A 48 1.08 0.49 -22.17
N ASP A 49 1.01 0.18 -23.45
CA ASP A 49 1.25 -1.20 -23.87
C ASP A 49 1.46 -1.20 -25.38
N LEU A 50 1.43 -2.38 -25.99
CA LEU A 50 1.67 -2.48 -27.42
C LEU A 50 0.73 -1.56 -28.20
N SER A 51 -0.53 -1.46 -27.78
CA SER A 51 -1.47 -0.63 -28.51
C SER A 51 -1.17 0.86 -28.40
N THR A 52 -0.33 1.26 -27.46
CA THR A 52 0.07 2.67 -27.35
C THR A 52 1.50 2.90 -27.82
N GLY A 53 2.12 1.92 -28.46
CA GLY A 53 3.47 2.05 -28.95
C GLY A 53 4.56 1.59 -28.00
N ASN A 54 4.19 1.09 -26.82
CA ASN A 54 5.19 0.64 -25.85
C ASN A 54 5.57 -0.81 -26.17
N MET A 55 6.80 -1.00 -26.66
CA MET A 55 7.32 -2.32 -27.01
C MET A 55 8.08 -2.99 -25.87
N VAL A 56 8.12 -2.36 -24.70
CA VAL A 56 8.95 -2.77 -23.59
C VAL A 56 8.13 -3.40 -22.48
N HIS A 57 7.11 -2.72 -22.01
CA HIS A 57 6.33 -3.23 -20.88
C HIS A 57 4.86 -2.94 -21.12
N ALA A 58 4.04 -3.79 -20.51
CA ALA A 58 2.60 -3.61 -20.44
C ALA A 58 2.26 -3.03 -19.07
N SER A 59 1.61 -1.86 -19.04
CA SER A 59 1.25 -1.23 -17.78
C SER A 59 -0.21 -0.80 -17.79
N TYR A 60 -0.97 -1.22 -16.79
CA TYR A 60 -2.40 -0.90 -16.70
C TYR A 60 -2.68 -0.24 -15.37
N LEU A 61 -3.42 0.86 -15.40
CA LEU A 61 -3.68 1.67 -14.22
C LEU A 61 -5.13 1.51 -13.81
N LEU A 62 -5.34 1.15 -12.53
CA LEU A 62 -6.67 1.12 -11.92
C LEU A 62 -6.81 2.30 -10.95
N THR A 63 -7.99 2.88 -10.89
CA THR A 63 -8.23 3.99 -9.98
C THR A 63 -9.52 3.78 -9.20
N SER A 64 -9.52 4.22 -7.95
CA SER A 64 -10.75 4.35 -7.17
C SER A 64 -10.57 5.60 -6.31
N GLY A 65 -11.36 6.63 -6.59
CA GLY A 65 -11.09 7.91 -5.95
C GLY A 65 -9.70 8.39 -6.31
N ASP A 66 -8.89 8.67 -5.29
CA ASP A 66 -7.51 9.08 -5.52
C ASP A 66 -6.54 7.92 -5.45
N LEU A 67 -7.02 6.70 -5.21
CA LEU A 67 -6.13 5.54 -5.15
C LEU A 67 -5.75 5.13 -6.55
N ARG A 68 -4.46 4.93 -6.79
CA ARG A 68 -3.98 4.53 -8.12
C ARG A 68 -3.12 3.28 -7.97
N PHE A 69 -3.58 2.17 -8.56
CA PHE A 69 -2.83 0.91 -8.62
C PHE A 69 -2.35 0.70 -10.06
N LEU A 70 -1.03 0.57 -10.23
CA LEU A 70 -0.40 0.32 -11.54
C LEU A 70 0.13 -1.11 -11.55
N PHE A 71 -0.17 -1.84 -12.63
CA PHE A 71 0.25 -3.23 -12.82
C PHE A 71 1.13 -3.29 -14.06
N THR A 72 2.38 -3.75 -13.91
CA THR A 72 3.33 -3.74 -15.01
C THR A 72 4.00 -5.09 -15.14
N ALA A 73 4.18 -5.52 -16.39
CA ALA A 73 4.89 -6.75 -16.71
C ALA A 73 5.74 -6.53 -17.95
N PRO A 74 6.84 -7.27 -18.10
CA PRO A 74 7.68 -7.13 -19.29
C PRO A 74 7.15 -7.91 -20.49
N TYR A 75 7.34 -7.34 -21.68
CA TYR A 75 7.24 -8.08 -22.93
C TYR A 75 8.53 -8.86 -23.18
N SER A 76 8.55 -9.66 -24.24
CA SER A 76 9.81 -10.25 -24.69
C SER A 76 10.82 -9.14 -24.96
N PRO A 77 12.05 -9.24 -24.46
CA PRO A 77 13.06 -8.24 -24.82
C PRO A 77 13.29 -8.13 -26.31
N SER A 78 12.96 -9.18 -27.08
CA SER A 78 13.20 -9.13 -28.52
C SER A 78 12.39 -8.04 -29.20
N LEU A 79 11.23 -7.65 -28.64
CA LEU A 79 10.43 -6.62 -29.29
C LEU A 79 11.13 -5.28 -29.31
N SER A 80 12.05 -5.05 -28.38
CA SER A 80 12.68 -3.74 -28.22
C SER A 80 14.19 -3.85 -28.30
N ALA A 81 14.69 -4.96 -28.84
CA ALA A 81 16.12 -5.21 -28.89
C ALA A 81 16.88 -4.16 -29.70
N GLY A 82 16.21 -3.47 -30.63
CA GLY A 82 16.86 -2.43 -31.39
C GLY A 82 16.97 -1.12 -30.65
N GLU A 83 16.22 -0.96 -29.56
CA GLU A 83 16.17 0.33 -28.86
C GLU A 83 17.37 0.51 -27.94
N ILE A 84 17.66 1.76 -27.65
CA ILE A 84 18.57 2.14 -26.57
C ILE A 84 17.80 3.13 -25.71
N LYS A 85 18.32 3.42 -24.53
CA LYS A 85 17.59 4.31 -23.64
C LYS A 85 17.21 5.63 -24.30
N PRO A 86 18.08 6.29 -25.09
CA PRO A 86 17.64 7.47 -25.85
C PRO A 86 16.47 7.22 -26.79
N THR A 87 16.31 6.00 -27.30
CA THR A 87 15.24 5.70 -28.25
C THR A 87 14.13 4.83 -27.66
N THR A 88 14.05 4.73 -26.33
CA THR A 88 13.13 3.78 -25.71
C THR A 88 11.67 4.10 -26.01
N THR A 89 10.84 3.06 -26.18
CA THR A 89 9.40 3.23 -26.23
C THR A 89 8.74 2.97 -24.89
N ALA A 90 9.50 2.64 -23.85
CA ALA A 90 8.95 2.49 -22.52
C ALA A 90 8.37 3.81 -22.03
N SER A 91 7.20 3.75 -21.41
CA SER A 91 6.63 4.96 -20.82
C SER A 91 7.17 5.22 -19.43
N ILE A 92 7.73 4.21 -18.77
CA ILE A 92 8.36 4.37 -17.47
C ILE A 92 9.85 4.10 -17.63
N PRO A 93 10.66 5.15 -17.76
CA PRO A 93 12.07 4.95 -18.14
C PRO A 93 12.88 4.16 -17.13
N SER A 94 12.45 4.09 -15.87
CA SER A 94 13.16 3.28 -14.90
C SER A 94 12.99 1.78 -15.14
N PHE A 95 12.01 1.38 -15.94
CA PHE A 95 11.76 -0.04 -16.12
C PHE A 95 12.95 -0.75 -16.75
N ASP A 96 13.21 -1.95 -16.26
CA ASP A 96 14.27 -2.80 -16.80
C ASP A 96 13.77 -4.24 -16.85
N HIS A 97 13.86 -4.88 -18.03
CA HIS A 97 13.40 -6.27 -18.17
C HIS A 97 14.04 -7.16 -17.13
N GLY A 98 15.37 -7.11 -17.03
CA GLY A 98 16.08 -7.97 -16.10
C GLY A 98 15.67 -7.74 -14.66
N SER A 99 15.56 -6.47 -14.25
CA SER A 99 15.14 -6.17 -12.89
C SER A 99 13.74 -6.69 -12.63
N CYS A 100 12.83 -6.50 -13.58
CA CYS A 100 11.46 -6.93 -13.36
C CYS A 100 11.38 -8.45 -13.27
N ARG A 101 12.05 -9.16 -14.17
CA ARG A 101 12.00 -10.62 -14.10
C ARG A 101 12.64 -11.13 -12.84
N SER A 102 13.78 -10.53 -12.45
CA SER A 102 14.44 -10.94 -11.21
C SER A 102 13.55 -10.68 -10.00
N PHE A 103 12.87 -9.53 -9.98
CA PHE A 103 11.97 -9.21 -8.87
C PHE A 103 10.86 -10.24 -8.74
N PHE A 104 10.16 -10.54 -9.85
CA PHE A 104 9.00 -11.42 -9.76
C PHE A 104 9.41 -12.86 -9.52
N SER A 105 10.54 -13.30 -10.06
CA SER A 105 10.97 -14.66 -9.76
C SER A 105 11.44 -14.77 -8.31
N SER A 106 12.02 -13.70 -7.75
CA SER A 106 12.49 -13.73 -6.37
C SER A 106 11.34 -13.59 -5.37
N HIS A 107 10.43 -12.64 -5.61
CA HIS A 107 9.40 -12.30 -4.63
C HIS A 107 8.00 -12.76 -5.00
N GLY A 108 7.77 -13.17 -6.23
CA GLY A 108 6.40 -13.33 -6.68
C GLY A 108 5.74 -11.95 -6.82
N LEU A 109 4.43 -11.99 -6.96
CA LEU A 109 3.64 -10.77 -7.13
C LEU A 109 3.81 -9.84 -5.93
N GLY A 110 4.19 -8.60 -6.19
CA GLY A 110 4.40 -7.68 -5.10
C GLY A 110 4.58 -6.26 -5.59
N VAL A 111 4.71 -5.36 -4.63
CA VAL A 111 4.87 -3.93 -4.89
C VAL A 111 6.34 -3.65 -5.19
N ARG A 112 6.59 -3.07 -6.35
CA ARG A 112 7.92 -2.59 -6.70
C ARG A 112 8.12 -1.15 -6.26
N ALA A 113 7.10 -0.30 -6.40
CA ALA A 113 7.27 1.13 -6.18
C ALA A 113 6.14 1.70 -5.34
N VAL A 114 6.52 2.42 -4.30
CA VAL A 114 5.63 3.29 -3.53
C VAL A 114 5.92 4.69 -4.03
N ALA A 115 4.96 5.29 -4.74
CA ALA A 115 5.20 6.57 -5.37
C ALA A 115 4.51 7.68 -4.60
N ILE A 116 5.26 8.73 -4.30
CA ILE A 116 4.71 9.92 -3.67
C ILE A 116 4.89 11.11 -4.59
N GLU A 117 3.89 12.01 -4.61
CA GLU A 117 4.02 13.23 -5.39
C GLU A 117 4.77 14.26 -4.57
N VAL A 118 5.72 14.93 -5.22
CA VAL A 118 6.55 15.93 -4.57
C VAL A 118 6.52 17.20 -5.41
N GLU A 119 7.06 18.29 -4.85
CA GLU A 119 7.12 19.55 -5.59
C GLU A 119 8.10 19.46 -6.74
N ASP A 120 9.24 18.80 -6.54
CA ASP A 120 10.34 18.81 -7.51
C ASP A 120 11.07 17.47 -7.36
N ALA A 121 10.81 16.55 -8.28
CA ALA A 121 11.37 15.21 -8.18
C ALA A 121 12.89 15.22 -8.31
N GLU A 122 13.45 16.11 -9.13
CA GLU A 122 14.91 16.17 -9.23
C GLU A 122 15.52 16.65 -7.91
N SER A 123 14.93 17.67 -7.30
CA SER A 123 15.41 18.14 -6.01
C SER A 123 15.26 17.07 -4.95
N ALA A 124 14.08 16.42 -4.89
CA ALA A 124 13.88 15.36 -3.91
C ALA A 124 14.92 14.26 -4.07
N PHE A 125 15.25 13.92 -5.32
CA PHE A 125 16.24 12.86 -5.56
C PHE A 125 17.62 13.31 -5.08
N SER A 126 18.02 14.51 -5.44
CA SER A 126 19.35 15.00 -5.08
C SER A 126 19.52 15.10 -3.57
N ILE A 127 18.56 15.73 -2.90
CA ILE A 127 18.61 15.85 -1.44
C ILE A 127 18.57 14.49 -0.79
N SER A 128 17.72 13.58 -1.29
CA SER A 128 17.69 12.24 -0.72
C SER A 128 19.06 11.57 -0.83
N VAL A 129 19.65 11.59 -2.03
CA VAL A 129 20.93 10.91 -2.22
C VAL A 129 22.02 11.64 -1.44
N ALA A 130 21.94 12.96 -1.36
CA ALA A 130 22.91 13.68 -0.54
C ALA A 130 22.79 13.28 0.93
N ASN A 131 21.64 12.73 1.32
CA ASN A 131 21.39 12.39 2.71
C ASN A 131 21.30 10.89 2.95
N GLY A 132 21.94 10.09 2.10
CA GLY A 132 22.13 8.67 2.35
C GLY A 132 21.31 7.76 1.47
N ALA A 133 20.36 8.28 0.69
CA ALA A 133 19.52 7.41 -0.11
C ALA A 133 20.35 6.70 -1.16
N ILE A 134 20.04 5.44 -1.41
CA ILE A 134 20.69 4.66 -2.45
C ILE A 134 19.95 4.89 -3.76
N PRO A 135 20.59 5.51 -4.76
CA PRO A 135 19.87 5.81 -6.00
C PRO A 135 19.45 4.54 -6.70
N SER A 136 18.27 4.59 -7.32
CA SER A 136 17.77 3.49 -8.12
C SER A 136 17.56 3.89 -9.57
N SER A 137 16.98 5.06 -9.81
CA SER A 137 16.82 5.56 -11.14
C SER A 137 16.90 7.08 -11.08
N PRO A 138 17.79 7.69 -11.86
CA PRO A 138 18.01 9.14 -11.75
C PRO A 138 16.80 9.89 -12.25
N PRO A 139 16.69 11.19 -11.96
CA PRO A 139 15.52 11.94 -12.43
C PRO A 139 15.50 11.96 -13.95
N ILE A 140 14.32 11.74 -14.52
CA ILE A 140 14.09 11.80 -15.96
C ILE A 140 12.84 12.64 -16.19
N VAL A 141 12.94 13.61 -17.10
CA VAL A 141 11.81 14.47 -17.42
C VAL A 141 11.07 13.87 -18.62
N LEU A 142 9.78 13.64 -18.45
CA LEU A 142 8.94 13.01 -19.46
C LEU A 142 8.13 14.08 -20.17
N ASN A 143 8.34 14.20 -21.49
CA ASN A 143 7.58 15.13 -22.32
C ASN A 143 7.57 16.55 -21.73
N GLU A 144 8.69 16.93 -21.11
CA GLU A 144 8.86 18.25 -20.50
C GLU A 144 7.75 18.56 -19.49
N ALA A 145 7.05 17.54 -19.00
CA ALA A 145 5.84 17.75 -18.21
C ALA A 145 5.90 17.12 -16.84
N VAL A 146 6.51 15.94 -16.72
CA VAL A 146 6.53 15.20 -15.46
C VAL A 146 7.95 14.73 -15.23
N THR A 147 8.39 14.70 -13.98
CA THR A 147 9.70 14.20 -13.63
C THR A 147 9.55 13.04 -12.66
N ILE A 148 10.26 11.95 -12.93
CA ILE A 148 10.24 10.75 -12.10
C ILE A 148 11.66 10.41 -11.70
N ALA A 149 11.82 9.96 -10.45
CA ALA A 149 13.09 9.52 -9.92
C ALA A 149 12.82 8.48 -8.83
N GLU A 150 13.78 7.60 -8.60
CA GLU A 150 13.59 6.50 -7.65
C GLU A 150 14.81 6.27 -6.78
N VAL A 151 14.58 6.00 -5.50
CA VAL A 151 15.64 5.59 -4.59
C VAL A 151 15.18 4.31 -3.89
N LYS A 152 16.14 3.56 -3.38
CA LYS A 152 15.80 2.34 -2.68
C LYS A 152 15.11 2.66 -1.36
N LEU A 153 14.05 1.91 -1.06
CA LEU A 153 13.32 2.05 0.20
C LEU A 153 13.67 0.92 1.17
N TYR A 154 13.39 -0.32 0.80
CA TYR A 154 13.79 -1.51 1.54
C TYR A 154 13.65 -2.70 0.60
N GLY A 155 14.49 -3.70 0.79
CA GLY A 155 14.47 -4.84 -0.13
C GLY A 155 14.63 -4.38 -1.56
N ASP A 156 13.75 -4.86 -2.43
CA ASP A 156 13.73 -4.42 -3.82
C ASP A 156 12.60 -3.45 -4.10
N VAL A 157 12.09 -2.80 -3.06
CA VAL A 157 11.04 -1.80 -3.17
C VAL A 157 11.70 -0.43 -3.28
N VAL A 158 11.20 0.41 -4.18
CA VAL A 158 11.74 1.75 -4.36
C VAL A 158 10.71 2.77 -3.91
N LEU A 159 11.21 3.89 -3.42
CA LEU A 159 10.39 5.09 -3.22
C LEU A 159 10.50 5.91 -4.49
N ARG A 160 9.38 6.16 -5.14
CA ARG A 160 9.35 6.85 -6.43
C ARG A 160 8.87 8.28 -6.20
N TYR A 161 9.66 9.25 -6.62
CA TYR A 161 9.24 10.65 -6.59
C TYR A 161 8.65 11.03 -7.94
N VAL A 162 7.48 11.66 -7.92
CA VAL A 162 6.82 12.18 -9.12
C VAL A 162 6.52 13.65 -8.86
N SER A 163 6.85 14.52 -9.83
CA SER A 163 6.46 15.92 -9.75
C SER A 163 5.92 16.37 -11.09
N TYR A 164 4.94 17.26 -11.05
CA TYR A 164 4.25 17.73 -12.24
C TYR A 164 4.45 19.22 -12.36
N LYS A 165 4.82 19.66 -13.56
CA LYS A 165 4.86 21.09 -13.78
C LYS A 165 3.46 21.70 -13.71
N ALA A 166 2.50 21.07 -14.38
CA ALA A 166 1.11 21.51 -14.33
C ALA A 166 0.44 21.08 -13.03
N GLU A 173 -3.03 11.81 -18.78
CA GLU A 173 -3.32 12.22 -17.42
C GLU A 173 -2.24 11.71 -16.45
N PHE A 174 -2.08 10.40 -16.38
CA PHE A 174 -1.29 9.74 -15.34
C PHE A 174 0.19 10.06 -15.51
N LEU A 175 0.75 9.52 -16.63
CA LEU A 175 2.10 9.84 -17.08
C LEU A 175 2.07 10.03 -18.59
N PRO A 176 2.99 10.81 -19.14
CA PRO A 176 3.09 10.89 -20.60
C PRO A 176 3.26 9.51 -21.20
N GLY A 177 2.63 9.30 -22.34
CA GLY A 177 2.69 8.02 -23.01
C GLY A 177 1.62 7.05 -22.58
N PHE A 178 0.90 7.33 -21.50
CA PHE A 178 -0.27 6.55 -21.13
C PHE A 178 -1.47 7.14 -21.84
N GLU A 179 -2.38 6.27 -22.29
CA GLU A 179 -3.63 6.70 -22.90
C GLU A 179 -4.78 6.37 -21.96
N ARG A 180 -5.76 7.28 -21.90
CA ARG A 180 -6.99 7.02 -21.18
C ARG A 180 -7.71 5.83 -21.79
N VAL A 181 -8.38 5.06 -20.95
CA VAL A 181 -8.98 3.81 -21.40
C VAL A 181 -10.40 4.07 -21.88
N GLU A 182 -10.74 3.50 -23.03
CA GLU A 182 -12.04 3.73 -23.68
C GLU A 182 -13.19 3.33 -22.76
N ASP A 183 -14.29 4.09 -22.89
CA ASP A 183 -15.43 3.90 -21.99
C ASP A 183 -15.93 2.46 -22.02
N ALA A 184 -15.93 1.82 -23.19
CA ALA A 184 -16.45 0.46 -23.30
C ALA A 184 -15.66 -0.51 -22.43
N SER A 185 -14.33 -0.37 -22.42
CA SER A 185 -13.49 -1.20 -21.58
C SER A 185 -13.40 -0.71 -20.15
N SER A 186 -13.97 0.46 -19.83
CA SER A 186 -13.83 1.09 -18.52
C SER A 186 -15.20 1.10 -17.83
N PHE A 187 -15.49 0.01 -17.11
CA PHE A 187 -16.73 -0.11 -16.34
C PHE A 187 -16.59 0.63 -15.00
N PRO A 188 -17.60 1.52 -14.62
CA PRO A 188 -17.39 2.42 -13.46
C PRO A 188 -17.62 1.72 -12.13
N LEU A 189 -16.85 0.66 -11.87
CA LEU A 189 -16.92 0.00 -10.57
C LEU A 189 -16.49 0.97 -9.47
N ASP A 190 -17.13 0.85 -8.31
CA ASP A 190 -16.73 1.64 -7.16
C ASP A 190 -17.35 1.03 -5.92
N TYR A 191 -16.54 0.52 -4.99
CA TYR A 191 -17.03 -0.03 -3.75
C TYR A 191 -16.75 0.90 -2.57
N GLY A 192 -16.33 2.13 -2.85
CA GLY A 192 -16.10 3.10 -1.80
C GLY A 192 -14.66 3.38 -1.44
N ILE A 193 -13.68 2.70 -2.03
CA ILE A 193 -12.30 3.01 -1.67
C ILE A 193 -11.87 4.33 -2.29
N ARG A 194 -11.11 5.13 -1.53
CA ARG A 194 -10.88 6.50 -1.93
C ARG A 194 -9.40 6.91 -1.94
N ARG A 195 -8.55 6.34 -1.07
CA ARG A 195 -7.15 6.73 -1.13
C ARG A 195 -6.29 5.73 -0.37
N LEU A 196 -4.98 5.79 -0.60
CA LEU A 196 -4.03 5.02 0.17
C LEU A 196 -3.77 5.70 1.50
N ASP A 197 -4.02 4.99 2.61
CA ASP A 197 -3.77 5.56 3.91
C ASP A 197 -2.32 5.33 4.37
N HIS A 198 -1.80 4.12 4.22
CA HIS A 198 -0.41 3.87 4.58
C HIS A 198 0.09 2.62 3.87
N ALA A 199 1.42 2.49 3.82
CA ALA A 199 2.07 1.37 3.15
C ALA A 199 3.18 0.85 4.04
N VAL A 200 3.15 -0.44 4.33
CA VAL A 200 3.91 -1.03 5.43
C VAL A 200 4.97 -1.99 4.88
N GLY A 201 6.21 -1.84 5.34
CA GLY A 201 7.29 -2.73 4.96
C GLY A 201 7.69 -3.69 6.06
N ASN A 202 8.16 -4.88 5.67
CA ASN A 202 8.75 -5.84 6.60
C ASN A 202 10.25 -5.91 6.33
N VAL A 203 11.04 -5.85 7.40
CA VAL A 203 12.50 -5.92 7.28
C VAL A 203 13.05 -6.85 8.35
N PRO A 204 14.26 -7.37 8.15
CA PRO A 204 14.89 -8.17 9.21
C PRO A 204 15.28 -7.34 10.42
N GLU A 205 15.71 -6.09 10.24
CA GLU A 205 16.16 -5.24 11.34
C GLU A 205 15.53 -3.86 11.23
N LEU A 206 14.69 -3.53 12.20
CA LEU A 206 13.96 -2.27 12.17
C LEU A 206 14.88 -1.06 12.30
N GLY A 207 15.83 -1.12 13.24
CA GLY A 207 16.68 0.02 13.54
C GLY A 207 17.37 0.62 12.33
N PRO A 208 18.17 -0.19 11.61
CA PRO A 208 18.86 0.33 10.42
C PRO A 208 17.92 0.76 9.31
N ALA A 209 16.79 0.08 9.15
CA ALA A 209 15.82 0.51 8.15
C ALA A 209 15.26 1.89 8.49
N LEU A 210 14.88 2.09 9.76
CA LEU A 210 14.36 3.40 10.17
C LEU A 210 15.41 4.49 9.98
N THR A 211 16.63 4.23 10.46
CA THR A 211 17.70 5.22 10.34
C THR A 211 17.93 5.61 8.89
N TYR A 212 17.95 4.62 8.00
CA TYR A 212 18.15 4.89 6.59
C TYR A 212 17.04 5.77 6.02
N VAL A 213 15.77 5.37 6.19
CA VAL A 213 14.70 6.09 5.53
C VAL A 213 14.48 7.47 6.16
N ALA A 214 14.34 7.52 7.48
CA ALA A 214 14.25 8.83 8.12
C ALA A 214 15.47 9.68 7.79
N GLY A 215 16.61 9.04 7.59
CA GLY A 215 17.83 9.75 7.24
C GLY A 215 17.71 10.56 5.95
N PHE A 216 17.18 9.94 4.88
CA PHE A 216 17.17 10.66 3.61
C PHE A 216 15.88 11.42 3.34
N THR A 217 14.79 11.15 4.08
CA THR A 217 13.56 11.91 3.87
C THR A 217 13.39 13.05 4.87
N GLY A 218 13.87 12.89 6.09
CA GLY A 218 13.46 13.77 7.14
C GLY A 218 12.11 13.43 7.73
N PHE A 219 11.51 12.30 7.31
CA PHE A 219 10.26 11.86 7.92
C PHE A 219 10.51 11.59 9.40
N HIS A 220 9.51 11.90 10.23
CA HIS A 220 9.63 11.79 11.67
C HIS A 220 8.82 10.61 12.17
N GLN A 221 9.14 10.17 13.38
CA GLN A 221 8.42 9.04 13.97
C GLN A 221 7.03 9.50 14.41
N PHE A 222 6.01 8.80 13.92
CA PHE A 222 4.63 9.07 14.28
C PHE A 222 4.32 8.38 15.60
N ALA A 223 3.82 9.13 16.57
CA ALA A 223 3.65 8.60 17.92
C ALA A 223 2.54 7.57 18.00
N GLU A 224 2.79 6.50 18.74
CA GLU A 224 1.85 5.40 18.93
C GLU A 224 1.18 5.49 20.29
N PHE A 225 -0.09 5.07 20.34
CA PHE A 225 -0.98 5.19 21.49
C PHE A 225 -0.62 6.32 22.46
N GLU A 234 3.88 -9.28 23.35
CA GLU A 234 4.59 -9.95 22.28
C GLU A 234 3.63 -10.39 21.17
N SER A 235 3.41 -9.49 20.21
CA SER A 235 2.57 -9.76 19.05
C SER A 235 3.36 -10.25 17.85
N GLY A 236 4.62 -10.64 18.04
CA GLY A 236 5.45 -11.13 16.97
C GLY A 236 6.25 -10.08 16.23
N LEU A 237 6.03 -8.79 16.50
CA LEU A 237 6.70 -7.75 15.75
C LEU A 237 7.05 -6.56 16.63
N ASN A 238 8.04 -5.81 16.17
CA ASN A 238 8.27 -4.44 16.59
C ASN A 238 8.08 -3.55 15.38
N SER A 239 7.55 -2.36 15.61
CA SER A 239 7.09 -1.50 14.54
C SER A 239 7.41 -0.06 14.87
N ALA A 240 7.47 0.77 13.83
CA ALA A 240 7.53 2.21 13.97
C ALA A 240 7.04 2.83 12.68
N VAL A 241 6.48 4.03 12.78
CA VAL A 241 5.82 4.68 11.66
C VAL A 241 6.56 5.96 11.34
N LEU A 242 6.99 6.10 10.09
CA LEU A 242 7.58 7.32 9.58
C LEU A 242 6.52 8.13 8.86
N ALA A 243 6.55 9.46 9.05
CA ALA A 243 5.49 10.33 8.54
C ALA A 243 6.07 11.61 7.97
N SER A 244 5.42 12.11 6.92
CA SER A 244 5.74 13.40 6.34
C SER A 244 5.24 14.54 7.24
N ASN A 245 5.49 15.78 6.81
CA ASN A 245 5.21 16.96 7.62
C ASN A 245 3.75 17.03 8.08
N ASP A 246 2.81 16.86 7.16
CA ASP A 246 1.41 16.87 7.54
C ASP A 246 0.88 15.48 7.87
N GLU A 247 1.77 14.49 7.93
CA GLU A 247 1.46 13.14 8.38
C GLU A 247 0.40 12.49 7.50
N MET A 248 0.37 12.87 6.22
CA MET A 248 -0.46 12.21 5.22
C MET A 248 0.26 11.12 4.44
N VAL A 249 1.59 11.17 4.37
CA VAL A 249 2.37 10.05 3.85
C VAL A 249 2.86 9.28 5.06
N LEU A 250 2.41 8.03 5.21
CA LEU A 250 2.67 7.23 6.40
C LEU A 250 3.30 5.93 5.95
N LEU A 251 4.51 5.66 6.47
CA LEU A 251 5.29 4.49 6.07
C LEU A 251 5.70 3.72 7.30
N PRO A 252 4.85 2.83 7.79
CA PRO A 252 5.26 1.94 8.88
C PRO A 252 6.25 0.87 8.42
N ILE A 253 7.09 0.43 9.37
CA ILE A 253 8.05 -0.63 9.13
C ILE A 253 8.02 -1.61 10.31
N ASN A 254 8.05 -2.90 10.02
CA ASN A 254 8.04 -3.98 11.00
C ASN A 254 9.33 -4.79 10.93
N GLU A 255 9.74 -5.32 12.08
CA GLU A 255 10.73 -6.37 12.19
C GLU A 255 10.14 -7.51 13.00
N PRO A 256 10.63 -8.73 12.83
CA PRO A 256 10.09 -9.85 13.60
C PRO A 256 10.59 -9.86 15.04
N VAL A 257 9.81 -10.50 15.91
CA VAL A 257 10.25 -10.82 17.26
C VAL A 257 10.41 -12.34 17.35
N HIS A 258 11.65 -12.79 17.54
CA HIS A 258 11.97 -14.21 17.53
C HIS A 258 11.82 -14.84 18.91
N GLY A 259 11.80 -16.16 18.94
CA GLY A 259 11.68 -16.93 20.17
C GLY A 259 10.26 -17.16 20.64
N THR A 260 9.29 -16.47 20.07
CA THR A 260 7.92 -16.51 20.53
C THR A 260 7.32 -17.91 20.38
N LYS A 261 6.21 -18.14 21.11
CA LYS A 261 5.48 -19.39 20.98
C LYS A 261 4.98 -19.58 19.55
N ARG A 262 4.09 -18.70 19.10
CA ARG A 262 3.69 -18.67 17.71
C ARG A 262 4.76 -17.98 16.86
N LYS A 263 5.08 -18.58 15.73
CA LYS A 263 6.11 -18.01 14.86
C LYS A 263 5.66 -16.66 14.31
N SER A 264 6.59 -15.71 14.30
CA SER A 264 6.27 -14.36 13.85
C SER A 264 5.81 -14.36 12.40
N GLN A 265 4.66 -13.72 12.14
CA GLN A 265 4.22 -13.56 10.76
C GLN A 265 5.19 -12.68 9.97
N ILE A 266 5.96 -11.83 10.65
CA ILE A 266 6.97 -11.04 9.95
C ILE A 266 8.09 -11.96 9.46
N GLN A 267 8.48 -12.94 10.26
CA GLN A 267 9.49 -13.90 9.83
C GLN A 267 8.97 -14.76 8.68
N THR A 268 7.72 -15.20 8.76
CA THR A 268 7.13 -15.98 7.67
C THR A 268 7.17 -15.17 6.37
N TYR A 269 6.82 -13.89 6.45
CA TYR A 269 6.89 -13.02 5.28
C TYR A 269 8.30 -13.03 4.69
N LEU A 270 9.30 -12.74 5.53
CA LEU A 270 10.68 -12.64 5.06
C LEU A 270 11.14 -13.94 4.40
N GLU A 271 10.69 -15.07 4.92
CA GLU A 271 11.10 -16.35 4.34
C GLU A 271 10.45 -16.56 2.98
N HIS A 272 9.13 -16.37 2.89
CA HIS A 272 8.44 -16.63 1.63
C HIS A 272 8.67 -15.56 0.58
N ASN A 273 9.01 -14.35 1.01
CA ASN A 273 9.28 -13.24 0.09
C ASN A 273 10.73 -13.19 -0.35
N GLU A 274 11.59 -14.05 0.18
CA GLU A 274 13.03 -13.94 0.00
C GLU A 274 13.52 -12.56 0.43
N GLY A 275 13.15 -12.15 1.63
CA GLY A 275 13.70 -10.97 2.24
C GLY A 275 12.69 -9.84 2.37
N ALA A 276 13.24 -8.66 2.66
CA ALA A 276 12.40 -7.49 2.95
C ALA A 276 11.53 -7.12 1.76
N GLY A 277 10.41 -6.47 2.07
CA GLY A 277 9.49 -6.03 1.04
C GLY A 277 8.27 -5.39 1.67
N LEU A 278 7.34 -5.01 0.80
CA LEU A 278 6.11 -4.37 1.26
C LEU A 278 5.15 -5.44 1.78
N GLN A 279 4.68 -5.25 3.02
CA GLN A 279 3.79 -6.21 3.66
C GLN A 279 2.32 -5.93 3.36
N HIS A 280 1.84 -4.71 3.64
CA HIS A 280 0.43 -4.47 3.33
C HIS A 280 0.21 -3.03 2.90
N LEU A 281 -0.86 -2.86 2.13
CA LEU A 281 -1.37 -1.56 1.71
C LEU A 281 -2.69 -1.33 2.44
N ALA A 282 -2.82 -0.19 3.10
CA ALA A 282 -4.06 0.16 3.79
C ALA A 282 -4.81 1.19 2.95
N LEU A 283 -6.04 0.84 2.57
CA LEU A 283 -6.85 1.62 1.64
C LEU A 283 -8.00 2.22 2.42
N MET A 284 -8.09 3.55 2.43
CA MET A 284 -9.17 4.20 3.15
C MET A 284 -10.46 4.09 2.36
N SER A 285 -11.54 3.76 3.07
CA SER A 285 -12.87 3.74 2.49
C SER A 285 -13.67 4.90 3.08
N GLU A 286 -14.47 5.54 2.24
CA GLU A 286 -15.45 6.50 2.72
C GLU A 286 -16.68 5.83 3.31
N ASP A 287 -16.79 4.50 3.24
CA ASP A 287 -17.91 3.79 3.86
C ASP A 287 -17.49 2.32 3.94
N ILE A 288 -16.82 1.97 5.04
CA ILE A 288 -16.20 0.66 5.12
C ILE A 288 -17.25 -0.43 5.10
N PHE A 289 -18.46 -0.14 5.56
CA PHE A 289 -19.51 -1.15 5.54
C PHE A 289 -19.92 -1.48 4.11
N ARG A 290 -20.10 -0.47 3.27
CA ARG A 290 -20.40 -0.74 1.87
C ARG A 290 -19.23 -1.45 1.21
N THR A 291 -18.00 -1.00 1.48
CA THR A 291 -16.85 -1.64 0.83
C THR A 291 -16.76 -3.12 1.19
N LEU A 292 -16.96 -3.45 2.47
CA LEU A 292 -16.83 -4.84 2.86
C LEU A 292 -18.00 -5.68 2.37
N ARG A 293 -19.21 -5.12 2.35
CA ARG A 293 -20.31 -5.87 1.72
C ARG A 293 -19.99 -6.20 0.28
N GLU A 294 -19.52 -5.21 -0.49
CA GLU A 294 -19.26 -5.42 -1.90
C GLU A 294 -18.08 -6.38 -2.12
N MET A 295 -17.00 -6.22 -1.34
CA MET A 295 -15.85 -7.13 -1.50
C MET A 295 -16.22 -8.55 -1.09
N ARG A 296 -16.97 -8.72 0.02
CA ARG A 296 -17.27 -10.07 0.48
C ARG A 296 -18.24 -10.78 -0.46
N LYS A 297 -19.10 -10.04 -1.16
CA LYS A 297 -19.95 -10.65 -2.17
C LYS A 297 -19.12 -11.32 -3.26
N ARG A 298 -17.92 -10.81 -3.50
CA ARG A 298 -17.12 -11.26 -4.63
C ARG A 298 -15.96 -12.16 -4.24
N SER A 299 -15.81 -12.50 -2.95
CA SER A 299 -14.65 -13.27 -2.50
C SER A 299 -14.50 -14.57 -3.27
N SER A 300 -15.60 -15.29 -3.46
CA SER A 300 -15.53 -16.61 -4.08
C SER A 300 -15.83 -16.56 -5.56
N ILE A 301 -15.98 -15.38 -6.13
CA ILE A 301 -16.17 -15.25 -7.58
C ILE A 301 -15.14 -14.31 -8.18
N GLY A 302 -13.89 -14.48 -7.76
CA GLY A 302 -12.77 -13.82 -8.40
C GLY A 302 -12.14 -12.73 -7.57
N GLY A 303 -12.77 -12.33 -6.47
CA GLY A 303 -12.25 -11.23 -5.67
C GLY A 303 -11.28 -11.66 -4.59
N PHE A 304 -11.36 -11.01 -3.42
CA PHE A 304 -10.41 -11.23 -2.35
C PHE A 304 -11.10 -11.87 -1.15
N ASP A 305 -10.38 -12.76 -0.49
CA ASP A 305 -10.81 -13.36 0.76
C ASP A 305 -10.34 -12.51 1.94
N PHE A 306 -11.04 -12.65 3.06
CA PHE A 306 -10.70 -11.94 4.28
C PHE A 306 -10.24 -12.92 5.36
N MET A 307 -9.43 -12.41 6.30
CA MET A 307 -9.00 -13.22 7.41
C MET A 307 -10.23 -13.70 8.20
N PRO A 308 -10.10 -14.82 8.93
CA PRO A 308 -11.25 -15.32 9.68
C PRO A 308 -11.70 -14.29 10.72
N SER A 309 -13.01 -14.20 10.90
CA SER A 309 -13.56 -13.14 11.73
C SER A 309 -13.26 -13.41 13.21
N PRO A 310 -13.22 -12.37 14.03
CA PRO A 310 -13.02 -12.58 15.47
C PRO A 310 -14.25 -13.20 16.09
N PRO A 311 -14.13 -13.80 17.27
CA PRO A 311 -15.28 -14.44 17.93
C PRO A 311 -16.29 -13.40 18.37
N PRO A 312 -17.54 -13.80 18.63
CA PRO A 312 -18.54 -12.82 19.07
C PRO A 312 -18.21 -12.17 20.39
N THR A 313 -17.36 -12.78 21.22
CA THR A 313 -16.88 -12.10 22.42
C THR A 313 -16.22 -10.78 22.07
N TYR A 314 -15.50 -10.73 20.94
CA TYR A 314 -14.90 -9.48 20.49
C TYR A 314 -15.94 -8.40 20.29
N TYR A 315 -17.05 -8.76 19.64
CA TYR A 315 -18.08 -7.75 19.43
C TYR A 315 -18.87 -7.48 20.71
N GLN A 316 -19.05 -8.50 21.55
CA GLN A 316 -19.63 -8.27 22.87
C GLN A 316 -18.76 -7.32 23.69
N ASN A 317 -17.44 -7.33 23.49
CA ASN A 317 -16.56 -6.42 24.20
C ASN A 317 -16.48 -5.05 23.53
N LEU A 318 -17.10 -4.87 22.36
CA LEU A 318 -17.00 -3.58 21.67
C LEU A 318 -17.84 -2.50 22.34
N LYS A 319 -18.93 -2.88 23.00
CA LYS A 319 -19.79 -1.87 23.62
C LYS A 319 -19.04 -1.05 24.65
N LYS A 320 -18.24 -1.70 25.49
CA LYS A 320 -17.49 -1.00 26.52
C LYS A 320 -16.38 -0.13 25.95
N ARG A 321 -15.86 -0.45 24.76
CA ARG A 321 -14.71 0.28 24.24
C ARG A 321 -15.09 1.42 23.30
N VAL A 322 -16.14 1.27 22.50
CA VAL A 322 -16.46 2.27 21.49
C VAL A 322 -17.95 2.54 21.46
N GLY A 323 -18.66 2.13 22.52
CA GLY A 323 -20.10 2.36 22.60
C GLY A 323 -20.51 3.81 22.53
N ASP A 324 -19.58 4.73 22.72
CA ASP A 324 -19.85 6.15 22.53
C ASP A 324 -19.60 6.64 21.11
N VAL A 325 -19.01 5.79 20.25
CA VAL A 325 -18.71 6.16 18.88
C VAL A 325 -19.60 5.41 17.89
N LEU A 326 -19.92 4.16 18.19
CA LEU A 326 -20.74 3.34 17.31
C LEU A 326 -22.01 2.94 18.04
N SER A 327 -23.14 3.04 17.33
CA SER A 327 -24.38 2.55 17.87
C SER A 327 -24.35 1.02 17.97
N ASP A 328 -25.35 0.46 18.65
CA ASP A 328 -25.46 -0.99 18.71
C ASP A 328 -25.64 -1.59 17.33
N ASP A 329 -26.46 -0.94 16.48
CA ASP A 329 -26.66 -1.44 15.12
C ASP A 329 -25.36 -1.37 14.33
N GLN A 330 -24.63 -0.26 14.45
CA GLN A 330 -23.34 -0.11 13.78
C GLN A 330 -22.33 -1.11 14.31
N ILE A 331 -22.42 -1.48 15.58
CA ILE A 331 -21.55 -2.53 16.11
C ILE A 331 -21.98 -3.89 15.58
N LYS A 332 -23.29 -4.15 15.53
CA LYS A 332 -23.78 -5.38 14.92
C LYS A 332 -23.36 -5.47 13.47
N GLU A 333 -23.35 -4.34 12.76
CA GLU A 333 -22.92 -4.34 11.37
C GLU A 333 -21.42 -4.66 11.25
N CYS A 334 -20.61 -4.23 12.21
CA CYS A 334 -19.21 -4.65 12.25
C CYS A 334 -19.11 -6.16 12.41
N GLU A 335 -19.97 -6.75 13.27
CA GLU A 335 -19.90 -8.18 13.50
C GLU A 335 -20.28 -8.95 12.24
N GLU A 336 -21.28 -8.48 11.49
CA GLU A 336 -21.69 -9.16 10.28
C GLU A 336 -20.54 -9.23 9.28
N LEU A 337 -19.68 -8.23 9.26
CA LEU A 337 -18.66 -8.08 8.23
C LEU A 337 -17.27 -8.45 8.71
N GLY A 338 -17.11 -8.81 9.98
CA GLY A 338 -15.80 -9.16 10.50
C GLY A 338 -14.88 -7.98 10.71
N ILE A 339 -15.41 -6.77 10.78
CA ILE A 339 -14.59 -5.58 10.94
C ILE A 339 -14.03 -5.52 12.35
N LEU A 340 -12.80 -5.02 12.47
CA LEU A 340 -12.15 -4.77 13.74
C LEU A 340 -12.20 -3.28 14.06
N VAL A 341 -12.15 -2.96 15.35
CA VAL A 341 -12.23 -1.58 15.83
C VAL A 341 -11.11 -1.33 16.82
N ASP A 342 -10.43 -0.21 16.69
CA ASP A 342 -9.47 0.23 17.69
C ASP A 342 -9.60 1.73 17.86
N ARG A 343 -9.02 2.23 18.94
CA ARG A 343 -9.23 3.62 19.33
C ARG A 343 -7.95 4.21 19.90
N ASP A 344 -7.68 5.45 19.51
CA ASP A 344 -6.59 6.26 20.04
C ASP A 344 -7.09 7.03 21.26
N ASP A 345 -6.26 7.96 21.74
CA ASP A 345 -6.74 9.01 22.62
C ASP A 345 -7.41 10.14 21.84
N GLN A 346 -7.40 10.07 20.52
CA GLN A 346 -7.95 11.14 19.68
C GLN A 346 -8.94 10.68 18.63
N GLY A 347 -8.95 9.39 18.26
CA GLY A 347 -9.86 8.93 17.22
C GLY A 347 -10.08 7.43 17.28
N THR A 348 -11.01 6.99 16.46
CA THR A 348 -11.39 5.59 16.32
C THR A 348 -11.11 5.13 14.90
N LEU A 349 -10.70 3.87 14.75
CA LEU A 349 -10.57 3.34 13.41
C LEU A 349 -11.27 1.99 13.29
N LEU A 350 -11.87 1.78 12.13
CA LEU A 350 -12.41 0.50 11.72
C LEU A 350 -11.46 -0.10 10.67
N GLN A 351 -11.17 -1.39 10.79
CA GLN A 351 -10.20 -2.01 9.89
C GLN A 351 -10.52 -3.49 9.68
N ILE A 352 -10.01 -4.04 8.58
CA ILE A 352 -10.10 -5.46 8.33
C ILE A 352 -8.99 -5.81 7.33
N PHE A 353 -8.58 -7.06 7.32
CA PHE A 353 -7.45 -7.51 6.53
C PHE A 353 -7.86 -8.62 5.57
N THR A 354 -7.38 -8.52 4.34
CA THR A 354 -7.55 -9.63 3.41
C THR A 354 -6.54 -10.73 3.69
N LYS A 355 -6.86 -11.91 3.17
CA LYS A 355 -5.86 -12.96 2.99
C LYS A 355 -4.83 -12.49 1.97
N PRO A 356 -3.68 -13.17 1.86
CA PRO A 356 -2.66 -12.73 0.89
C PRO A 356 -3.23 -12.57 -0.51
N LEU A 357 -2.71 -11.57 -1.22
CA LEU A 357 -3.22 -11.20 -2.54
C LEU A 357 -2.85 -12.20 -3.62
N GLY A 358 -1.79 -12.96 -3.43
CA GLY A 358 -1.35 -13.92 -4.44
C GLY A 358 -0.97 -15.25 -3.84
N ASP A 359 -0.09 -15.99 -4.52
CA ASP A 359 0.24 -17.35 -4.07
C ASP A 359 0.96 -17.36 -2.73
N ARG A 360 1.79 -16.38 -2.49
CA ARG A 360 2.64 -16.51 -1.31
C ARG A 360 2.04 -15.78 -0.12
N PRO A 361 2.35 -16.25 1.15
CA PRO A 361 1.79 -15.57 2.34
C PRO A 361 2.62 -14.33 2.66
N THR A 362 2.55 -13.34 1.77
CA THR A 362 3.40 -12.17 1.83
C THR A 362 2.50 -10.95 1.86
N ILE A 363 2.21 -10.31 0.74
CA ILE A 363 1.47 -9.06 0.72
C ILE A 363 -0.03 -9.31 0.92
N PHE A 364 -0.67 -8.43 1.69
CA PHE A 364 -2.13 -8.42 1.82
C PHE A 364 -2.60 -6.97 1.83
N ILE A 365 -3.92 -6.79 1.91
CA ILE A 365 -4.52 -5.47 1.90
C ILE A 365 -5.32 -5.29 3.19
N GLU A 366 -5.31 -4.06 3.69
CA GLU A 366 -6.13 -3.64 4.81
C GLU A 366 -7.13 -2.60 4.30
N ILE A 367 -8.40 -2.72 4.71
CA ILE A 367 -9.39 -1.69 4.44
C ILE A 367 -9.62 -0.95 5.74
N ILE A 368 -9.70 0.37 5.68
CA ILE A 368 -9.73 1.16 6.90
C ILE A 368 -10.68 2.34 6.74
N GLN A 369 -11.30 2.72 7.84
CA GLN A 369 -11.98 4.01 7.91
C GLN A 369 -11.73 4.59 9.28
N ARG A 370 -11.46 5.89 9.31
CA ARG A 370 -11.08 6.61 10.52
C ARG A 370 -12.17 7.59 10.94
N VAL A 371 -12.43 7.65 12.24
CA VAL A 371 -13.48 8.51 12.78
C VAL A 371 -12.83 9.46 13.79
N GLY A 372 -12.89 10.75 13.51
CA GLY A 372 -12.45 11.76 14.44
C GLY A 372 -11.46 12.72 13.82
N CYS A 373 -10.70 13.39 14.70
CA CYS A 373 -9.60 14.30 14.35
C CYS A 373 -9.97 15.23 13.21
N MET A 374 -11.10 15.91 13.35
CA MET A 374 -11.55 16.87 12.36
C MET A 374 -10.98 18.24 12.65
N MET A 375 -10.61 18.96 11.61
CA MET A 375 -10.04 20.30 11.73
C MET A 375 -10.71 21.22 10.72
N TYR A 383 -11.20 18.98 7.20
CA TYR A 383 -10.34 17.86 6.86
C TYR A 383 -10.04 17.00 8.09
N GLN A 384 -9.55 15.79 7.86
CA GLN A 384 -9.18 14.87 8.93
C GLN A 384 -7.66 14.76 8.98
N SER A 385 -7.09 14.87 10.18
CA SER A 385 -5.64 14.77 10.31
C SER A 385 -5.20 13.32 10.09
N GLY A 386 -3.97 13.16 9.61
CA GLY A 386 -3.50 11.83 9.24
C GLY A 386 -3.32 10.92 10.43
N GLY A 387 -3.57 9.63 10.19
CA GLY A 387 -3.34 8.64 11.22
C GLY A 387 -4.31 8.68 12.38
N CYS A 388 -5.44 9.37 12.22
CA CYS A 388 -6.46 9.45 13.27
C CYS A 388 -6.90 8.09 13.78
N GLY A 389 -6.58 7.80 15.04
CA GLY A 389 -6.94 6.54 15.64
C GLY A 389 -5.80 5.55 15.71
N GLY A 390 -4.70 5.84 15.03
CA GLY A 390 -3.54 4.97 15.07
C GLY A 390 -3.58 3.91 13.98
N PHE A 391 -3.05 2.73 14.26
CA PHE A 391 -2.95 1.69 13.25
C PHE A 391 -3.49 0.34 13.74
N GLY A 392 -4.11 0.32 14.91
CA GLY A 392 -4.80 -0.86 15.38
C GLY A 392 -3.97 -1.81 16.20
N LYS A 393 -2.83 -1.36 16.72
CA LYS A 393 -1.96 -2.25 17.49
C LYS A 393 -2.67 -2.82 18.71
N GLY A 394 -3.66 -2.09 19.25
CA GLY A 394 -4.43 -2.61 20.35
C GLY A 394 -5.28 -3.81 19.99
N ASN A 395 -5.48 -4.07 18.70
CA ASN A 395 -6.33 -5.19 18.30
C ASN A 395 -5.65 -6.54 18.48
N PHE A 396 -4.34 -6.58 18.77
CA PHE A 396 -3.71 -7.86 19.06
C PHE A 396 -4.18 -8.41 20.40
N SER A 397 -4.06 -7.61 21.46
CA SER A 397 -4.48 -8.07 22.78
C SER A 397 -5.98 -8.27 22.85
N GLU A 398 -6.76 -7.39 22.21
CA GLU A 398 -8.20 -7.55 22.20
C GLU A 398 -8.61 -8.86 21.52
N LEU A 399 -7.90 -9.22 20.43
CA LEU A 399 -8.18 -10.47 19.74
C LEU A 399 -7.84 -11.66 20.62
N PHE A 400 -6.64 -11.66 21.22
CA PHE A 400 -6.29 -12.70 22.17
C PHE A 400 -7.32 -12.78 23.28
N LYS A 401 -7.69 -11.62 23.84
CA LYS A 401 -8.69 -11.57 24.90
C LYS A 401 -10.04 -12.12 24.43
N SER A 402 -10.42 -11.84 23.17
CA SER A 402 -11.69 -12.38 22.71
C SER A 402 -11.61 -13.90 22.55
N ILE A 403 -10.44 -14.41 22.14
CA ILE A 403 -10.32 -15.82 21.80
C ILE A 403 -10.49 -16.72 23.02
N GLU A 404 -9.76 -16.44 24.11
CA GLU A 404 -9.90 -17.33 25.27
C GLU A 404 -11.24 -17.09 25.96
N GLU A 405 -11.76 -15.84 25.92
CA GLU A 405 -13.11 -15.61 26.44
C GLU A 405 -14.15 -16.45 25.71
N TYR A 406 -14.09 -16.51 24.38
CA TYR A 406 -15.07 -17.32 23.65
C TYR A 406 -14.86 -18.80 23.89
N GLU A 407 -13.60 -19.23 24.08
CA GLU A 407 -13.35 -20.61 24.45
C GLU A 407 -13.99 -20.93 25.79
N LYS A 408 -13.87 -20.03 26.76
CA LYS A 408 -14.45 -20.25 28.08
C LYS A 408 -15.97 -20.30 28.02
N THR A 409 -16.57 -19.45 27.17
CA THR A 409 -18.03 -19.41 27.08
C THR A 409 -18.58 -20.70 26.49
N LEU A 410 -17.85 -21.32 25.57
CA LEU A 410 -18.23 -22.59 24.95
C LEU A 410 -18.48 -23.69 25.96
CO CO B . -2.14 -1.15 8.88
C10 WIG C . -1.52 -5.93 10.18
N12 WIG C . -4.62 -8.91 13.68
C15 WIG C . -3.79 -10.75 12.16
C17 WIG C . -0.09 -1.23 11.17
C20 WIG C . 0.10 -2.60 12.88
C22 WIG C . 1.73 0.36 11.70
C24 WIG C . -3.10 -11.20 10.86
C26 WIG C . -2.92 -11.23 8.19
C28 WIG C . -1.18 -12.59 9.62
C01 WIG C . -0.62 -2.36 11.73
C02 WIG C . -1.80 -3.12 11.15
C03 WIG C . -2.52 -4.24 11.90
C05 WIG C . -3.37 -3.89 13.11
C06 WIG C . -4.11 -4.99 13.85
C07 WIG C . -3.99 -6.47 13.36
C08 WIG C . -3.17 -6.82 12.19
C09 WIG C . -2.40 -5.68 11.42
C14 WIG C . -3.09 -8.27 11.76
C23 WIG C . -0.06 -3.73 13.90
C25 WIG C . -3.62 -10.77 9.47
C27 WIG C . -1.71 -12.14 8.25
C29 WIG C . -1.87 -12.13 10.91
F30 WIG C . -1.09 -12.56 7.09
N11 WIG C . -4.71 -7.51 14.10
N13 WIG C . -3.81 -9.32 12.49
N18 WIG C . 0.90 -0.80 11.93
N19 WIG C . 1.03 -1.66 13.01
O04 WIG C . -2.27 -2.79 10.10
O16 WIG C . -2.44 -8.56 10.83
O21 WIG C . -0.53 -0.61 9.98
#